data_5KNK
#
_entry.id   5KNK
#
_cell.length_a   59.300
_cell.length_b   145.470
_cell.length_c   87.610
_cell.angle_alpha   90.000
_cell.angle_beta   90.000
_cell.angle_gamma   90.000
#
_symmetry.space_group_name_H-M   'C 2 2 21'
#
loop_
_entity.id
_entity.type
_entity.pdbx_description
1 polymer 'Lipid A biosynthesis lauroyl acyltransferase'
2 non-polymer 'SULFATE ION'
3 non-polymer GLYCEROL
4 non-polymer DODECYL-BETA-D-MALTOSIDE
5 non-polymer 'UNDECANOIC ACID'
6 water water
#
_entity_poly.entity_id   1
_entity_poly.type   'polypeptide(L)'
_entity_poly.pdbx_seq_one_letter_code
;MHHHHHHTRPDSKSMNYQLLKTFSRQPIQFGRFLARLLAGLVNTLKITRTSKSIELNLRIALPYLTPQQRIAITEKAVRN
ELTSYFEFLSIWGSSNSKNISRIHRIEGEHFFHEALAAKKGVVLIVPHFGTWAVMNAWCAQFTSMTILYKPVKNADADRF
VREARSREQANLVPTDESGVRQIFKALKQGETTVILPDHTPNVGGDMVNYFGVPLASSNLSAKLIQKTKAKALFLYAIRN
ENDGFTMHIEPMDEKIYEGTADDGTYVIHQAIEQLIYQYPEHYHWSYKRFKANPALDNIYNIDPTEALKIVDRLKAEALK
TSTQPEPIQTSVM
;
_entity_poly.pdbx_strand_id   B
#
loop_
_chem_comp.id
_chem_comp.type
_chem_comp.name
_chem_comp.formula
11A non-polymer 'UNDECANOIC ACID' 'C11 H22 O2'
GOL non-polymer GLYCEROL 'C3 H8 O3'
LMT D-saccharide DODECYL-BETA-D-MALTOSIDE 'C24 H46 O11'
SO4 non-polymer 'SULFATE ION' 'O4 S -2'
#
# COMPACT_ATOMS: atom_id res chain seq x y z
N PRO A 10 2.56 38.05 -8.26
CA PRO A 10 1.34 37.54 -7.65
C PRO A 10 1.43 36.06 -7.32
N ASP A 11 2.63 35.47 -7.42
CA ASP A 11 2.77 34.02 -7.37
C ASP A 11 2.11 33.49 -6.11
N SER A 12 1.44 32.37 -6.32
CA SER A 12 0.10 32.23 -5.82
C SER A 12 -0.15 30.99 -4.99
N LYS A 13 -1.19 31.09 -4.16
CA LYS A 13 -1.62 29.98 -3.33
C LYS A 13 -0.46 29.43 -2.51
N SER A 14 0.54 30.28 -2.26
CA SER A 14 1.48 30.12 -1.16
C SER A 14 0.83 30.40 0.18
N MET A 15 -0.49 30.58 0.17
CA MET A 15 -1.44 30.32 1.23
C MET A 15 -2.81 30.69 0.65
N ASN A 16 -3.84 30.12 1.23
CA ASN A 16 -5.22 30.51 0.98
C ASN A 16 -5.74 31.20 2.24
N TYR A 17 -6.76 32.05 2.06
CA TYR A 17 -7.28 32.79 3.20
C TYR A 17 -8.15 31.92 4.10
N GLN A 18 -8.90 30.99 3.52
CA GLN A 18 -9.63 30.01 4.31
C GLN A 18 -8.67 29.24 5.23
N LEU A 19 -7.57 28.77 4.66
CA LEU A 19 -6.51 28.09 5.41
C LEU A 19 -6.10 28.91 6.62
N LEU A 20 -5.65 30.14 6.35
CA LEU A 20 -5.16 31.00 7.41
C LEU A 20 -6.21 31.23 8.49
N LYS A 21 -7.48 31.40 8.09
CA LYS A 21 -8.53 31.66 9.07
C LYS A 21 -8.82 30.43 9.93
N THR A 22 -8.78 29.23 9.34
CA THR A 22 -9.00 28.02 10.13
C THR A 22 -7.87 27.80 11.13
N PHE A 23 -6.61 27.89 10.68
CA PHE A 23 -5.50 27.81 11.62
C PHE A 23 -5.64 28.88 12.69
N SER A 24 -6.02 30.10 12.30
CA SER A 24 -6.13 31.21 13.25
C SER A 24 -7.22 31.01 14.28
N ARG A 25 -8.23 30.19 14.01
CA ARG A 25 -9.27 30.02 15.02
C ARG A 25 -8.95 28.92 16.04
N GLN A 26 -7.85 28.19 15.89
CA GLN A 26 -7.52 27.13 16.85
C GLN A 26 -6.93 27.69 18.13
N PRO A 27 -6.97 26.93 19.23
CA PRO A 27 -6.32 27.38 20.46
C PRO A 27 -4.81 27.47 20.27
N ILE A 28 -4.18 28.28 21.12
CA ILE A 28 -2.73 28.44 21.03
C ILE A 28 -2.04 27.09 21.25
N GLN A 29 -2.64 26.22 22.07
CA GLN A 29 -2.04 24.93 22.35
C GLN A 29 -1.90 24.12 21.07
N PHE A 30 -2.91 24.20 20.20
CA PHE A 30 -2.85 23.49 18.92
C PHE A 30 -1.61 23.89 18.15
N GLY A 31 -1.44 25.21 17.94
CA GLY A 31 -0.29 25.68 17.18
C GLY A 31 1.02 25.27 17.81
N ARG A 32 1.13 25.39 19.13
CA ARG A 32 2.39 25.01 19.76
C ARG A 32 2.68 23.53 19.55
N PHE A 33 1.65 22.68 19.70
CA PHE A 33 1.88 21.24 19.55
C PHE A 33 2.24 20.88 18.10
N LEU A 34 1.58 21.51 17.14
CA LEU A 34 1.86 21.22 15.74
C LEU A 34 3.27 21.69 15.36
N ALA A 35 3.66 22.89 15.80
CA ALA A 35 5.00 23.35 15.54
C ALA A 35 6.03 22.40 16.16
N ARG A 36 5.80 21.93 17.38
CA ARG A 36 6.75 21.01 17.98
C ARG A 36 6.87 19.74 17.15
N LEU A 37 5.75 19.26 16.60
CA LEU A 37 5.77 18.10 15.72
C LEU A 37 6.63 18.35 14.49
N LEU A 38 6.29 19.41 13.74
CA LEU A 38 7.04 19.73 12.53
C LEU A 38 8.51 19.93 12.80
N ALA A 39 8.83 20.68 13.86
CA ALA A 39 10.21 20.95 14.20
C ALA A 39 10.95 19.67 14.55
N GLY A 40 10.30 18.77 15.29
CA GLY A 40 10.88 17.48 15.54
C GLY A 40 11.23 16.78 14.24
N LEU A 41 10.36 16.88 13.23
CA LEU A 41 10.67 16.30 11.93
C LEU A 41 11.90 16.96 11.30
N VAL A 42 12.01 18.28 11.39
CA VAL A 42 13.16 18.95 10.80
C VAL A 42 14.45 18.59 11.53
N ASN A 43 14.41 18.63 12.86
CA ASN A 43 15.62 18.51 13.65
C ASN A 43 16.21 17.10 13.60
N THR A 44 15.39 16.07 13.34
CA THR A 44 15.88 14.70 13.23
C THR A 44 16.11 14.24 11.79
N LEU A 45 16.01 15.15 10.82
CA LEU A 45 16.29 14.87 9.42
C LEU A 45 15.34 13.82 8.81
N LYS A 46 14.18 13.58 9.43
CA LYS A 46 13.25 12.56 8.91
C LYS A 46 12.74 12.94 7.53
N ILE A 47 12.52 14.23 7.29
CA ILE A 47 11.96 14.66 6.01
C ILE A 47 12.96 14.42 4.88
N THR A 48 14.22 14.81 5.09
CA THR A 48 15.24 14.55 4.07
C THR A 48 15.39 13.06 3.82
N ARG A 49 15.44 12.26 4.90
CA ARG A 49 15.57 10.81 4.75
CA ARG A 49 15.57 10.81 4.75
C ARG A 49 14.45 10.25 3.89
N THR A 50 13.21 10.64 4.17
CA THR A 50 12.09 10.14 3.39
C THR A 50 12.22 10.52 1.93
N SER A 51 12.53 11.79 1.65
CA SER A 51 12.71 12.20 0.26
C SER A 51 13.74 11.35 -0.46
N LYS A 52 14.84 11.03 0.24
CA LYS A 52 15.87 10.23 -0.43
C LYS A 52 15.43 8.78 -0.63
N SER A 53 14.64 8.23 0.29
CA SER A 53 14.14 6.87 0.07
CA SER A 53 14.13 6.87 0.08
C SER A 53 13.18 6.81 -1.11
N ILE A 54 12.33 7.83 -1.25
CA ILE A 54 11.47 7.89 -2.44
C ILE A 54 12.33 7.88 -3.69
N GLU A 55 13.35 8.75 -3.71
CA GLU A 55 14.22 8.82 -4.90
C GLU A 55 14.89 7.49 -5.21
N LEU A 56 15.44 6.82 -4.19
CA LEU A 56 16.12 5.55 -4.44
C LEU A 56 15.14 4.50 -4.95
N ASN A 57 13.95 4.46 -4.36
CA ASN A 57 12.97 3.46 -4.78
C ASN A 57 12.61 3.65 -6.24
N LEU A 58 12.42 4.90 -6.67
CA LEU A 58 12.11 5.17 -8.07
C LEU A 58 13.28 4.81 -8.97
N ARG A 59 14.52 5.03 -8.51
CA ARG A 59 15.66 4.59 -9.31
C ARG A 59 15.68 3.08 -9.45
N ILE A 60 15.34 2.36 -8.39
CA ILE A 60 15.37 0.90 -8.41
C ILE A 60 14.29 0.34 -9.33
N ALA A 61 13.06 0.80 -9.17
CA ALA A 61 11.92 0.19 -9.86
C ALA A 61 11.72 0.70 -11.29
N LEU A 62 12.05 1.96 -11.57
CA LEU A 62 11.82 2.56 -12.88
C LEU A 62 13.14 3.07 -13.46
N PRO A 63 14.09 2.17 -13.74
CA PRO A 63 15.41 2.63 -14.19
C PRO A 63 15.42 3.31 -15.56
N TYR A 64 14.33 3.23 -16.31
CA TYR A 64 14.27 3.82 -17.64
C TYR A 64 13.94 5.30 -17.64
N LEU A 65 13.54 5.87 -16.50
CA LEU A 65 13.26 7.29 -16.46
C LEU A 65 14.54 8.09 -16.69
N THR A 66 14.41 9.18 -17.44
CA THR A 66 15.52 10.13 -17.56
C THR A 66 15.61 10.95 -16.29
N PRO A 67 16.78 11.55 -16.01
CA PRO A 67 16.90 12.42 -14.82
C PRO A 67 15.77 13.43 -14.68
N GLN A 68 15.40 14.11 -15.77
CA GLN A 68 14.32 15.09 -15.69
C GLN A 68 12.99 14.42 -15.33
N GLN A 69 12.64 13.35 -16.06
CA GLN A 69 11.40 12.64 -15.76
C GLN A 69 11.39 12.15 -14.31
N ARG A 70 12.54 11.71 -13.83
CA ARG A 70 12.64 11.18 -12.47
C ARG A 70 12.43 12.28 -11.45
N ILE A 71 12.91 13.49 -11.74
CA ILE A 71 12.68 14.61 -10.82
C ILE A 71 11.21 14.96 -10.79
N ALA A 72 10.57 15.06 -11.96
CA ALA A 72 9.14 15.38 -11.97
C ALA A 72 8.32 14.33 -11.22
N ILE A 73 8.68 13.05 -11.41
CA ILE A 73 7.90 12.00 -10.75
C ILE A 73 8.18 12.00 -9.25
N THR A 74 9.44 12.15 -8.86
CA THR A 74 9.77 12.18 -7.44
C THR A 74 9.02 13.31 -6.72
N GLU A 75 9.10 14.53 -7.27
CA GLU A 75 8.38 15.66 -6.66
C GLU A 75 6.87 15.41 -6.62
N LYS A 76 6.30 14.86 -7.70
CA LYS A 76 4.87 14.61 -7.69
C LYS A 76 4.51 13.49 -6.72
N ALA A 77 5.41 12.54 -6.51
CA ALA A 77 5.11 11.44 -5.60
C ALA A 77 5.18 11.92 -4.15
N VAL A 78 6.15 12.78 -3.84
CA VAL A 78 6.18 13.41 -2.52
C VAL A 78 4.86 14.12 -2.26
N ARG A 79 4.47 14.97 -3.21
CA ARG A 79 3.22 15.70 -3.09
C ARG A 79 2.04 14.77 -2.92
N ASN A 80 1.99 13.69 -3.71
CA ASN A 80 0.78 12.87 -3.76
C ASN A 80 0.64 11.99 -2.53
N GLU A 81 1.76 11.45 -2.02
CA GLU A 81 1.64 10.64 -0.82
C GLU A 81 1.29 11.50 0.38
N LEU A 82 1.93 12.67 0.52
CA LEU A 82 1.51 13.55 1.62
C LEU A 82 0.03 13.91 1.48
N THR A 83 -0.39 14.25 0.26
CA THR A 83 -1.79 14.58 0.02
C THR A 83 -2.69 13.43 0.43
N SER A 84 -2.30 12.18 0.08
CA SER A 84 -3.12 11.04 0.44
C SER A 84 -3.31 10.97 1.94
N TYR A 85 -2.26 11.26 2.72
CA TYR A 85 -2.38 11.10 4.18
C TYR A 85 -3.28 12.17 4.79
N PHE A 86 -3.19 13.42 4.30
CA PHE A 86 -4.17 14.41 4.74
C PHE A 86 -5.59 14.01 4.35
N GLU A 87 -5.75 13.45 3.14
CA GLU A 87 -7.03 12.96 2.69
C GLU A 87 -7.56 11.86 3.61
N PHE A 88 -6.67 10.96 4.05
CA PHE A 88 -7.05 9.95 5.04
C PHE A 88 -7.58 10.58 6.30
N LEU A 89 -6.95 11.67 6.77
CA LEU A 89 -7.49 12.35 7.94
C LEU A 89 -8.93 12.77 7.69
N SER A 90 -9.18 13.44 6.57
CA SER A 90 -10.56 13.85 6.29
C SER A 90 -11.50 12.64 6.19
N ILE A 91 -11.05 11.57 5.54
CA ILE A 91 -11.89 10.39 5.37
C ILE A 91 -12.23 9.78 6.74
N TRP A 92 -11.22 9.62 7.59
CA TRP A 92 -11.42 9.01 8.89
C TRP A 92 -12.10 9.94 9.88
N GLY A 93 -12.29 11.21 9.52
CA GLY A 93 -13.11 12.08 10.33
C GLY A 93 -14.55 12.21 9.84
N SER A 94 -14.92 11.49 8.80
CA SER A 94 -16.19 11.72 8.10
C SER A 94 -17.11 10.51 8.21
N SER A 95 -18.40 10.75 7.95
CA SER A 95 -19.41 9.71 8.04
C SER A 95 -19.34 8.82 6.79
N ASN A 96 -20.01 7.67 6.86
CA ASN A 96 -20.02 6.75 5.71
C ASN A 96 -20.71 7.38 4.51
N SER A 97 -21.85 8.03 4.75
CA SER A 97 -22.55 8.76 3.69
C SER A 97 -21.59 9.67 2.91
N LYS A 98 -20.87 10.53 3.62
CA LYS A 98 -19.99 11.50 2.96
C LYS A 98 -18.87 10.80 2.20
N ASN A 99 -18.25 9.80 2.83
CA ASN A 99 -17.17 9.06 2.16
C ASN A 99 -17.67 8.34 0.92
N ILE A 100 -18.89 7.80 0.97
CA ILE A 100 -19.45 7.17 -0.21
C ILE A 100 -19.66 8.20 -1.31
N SER A 101 -20.25 9.35 -0.97
CA SER A 101 -20.42 10.40 -1.98
C SER A 101 -19.09 10.95 -2.47
N ARG A 102 -17.97 10.61 -1.84
CA ARG A 102 -16.66 11.02 -2.34
C ARG A 102 -16.22 10.21 -3.55
N ILE A 103 -16.84 9.06 -3.79
CA ILE A 103 -16.54 8.23 -4.96
C ILE A 103 -17.40 8.73 -6.11
N HIS A 104 -16.76 9.32 -7.13
CA HIS A 104 -17.52 9.89 -8.23
C HIS A 104 -17.70 8.93 -9.38
N ARG A 105 -16.73 8.07 -9.61
CA ARG A 105 -16.74 7.12 -10.72
C ARG A 105 -16.14 5.82 -10.20
N ILE A 106 -16.78 4.70 -10.55
CA ILE A 106 -16.29 3.36 -10.25
C ILE A 106 -16.16 2.59 -11.54
N GLU A 107 -15.02 1.96 -11.75
CA GLU A 107 -14.79 1.06 -12.87
C GLU A 107 -14.77 -0.37 -12.33
N GLY A 108 -15.47 -1.28 -13.03
CA GLY A 108 -15.44 -2.69 -12.71
C GLY A 108 -16.29 -3.11 -11.53
N GLU A 109 -17.28 -2.29 -11.16
CA GLU A 109 -18.17 -2.61 -10.05
C GLU A 109 -18.81 -3.99 -10.22
N HIS A 110 -19.06 -4.35 -11.48
CA HIS A 110 -19.67 -5.62 -11.85
C HIS A 110 -18.96 -6.79 -11.20
N PHE A 111 -17.62 -6.77 -11.22
CA PHE A 111 -16.85 -7.91 -10.72
C PHE A 111 -16.97 -8.02 -9.22
N PHE A 112 -17.16 -6.89 -8.55
CA PHE A 112 -17.35 -6.92 -7.10
C PHE A 112 -18.70 -7.55 -6.76
N HIS A 113 -19.78 -7.05 -7.40
CA HIS A 113 -21.09 -7.64 -7.10
C HIS A 113 -21.17 -9.11 -7.50
N GLU A 114 -20.50 -9.48 -8.60
CA GLU A 114 -20.45 -10.87 -9.01
C GLU A 114 -19.70 -11.72 -8.00
N ALA A 115 -18.58 -11.19 -7.50
CA ALA A 115 -17.81 -11.95 -6.52
C ALA A 115 -18.61 -12.13 -5.24
N LEU A 116 -19.44 -11.14 -4.88
CA LEU A 116 -20.32 -11.32 -3.73
C LEU A 116 -21.42 -12.33 -4.03
N ALA A 117 -21.90 -12.37 -5.27
CA ALA A 117 -22.94 -13.34 -5.63
C ALA A 117 -22.42 -14.77 -5.51
N ALA A 118 -21.15 -14.99 -5.88
CA ALA A 118 -20.60 -16.34 -5.87
C ALA A 118 -20.51 -16.94 -4.48
N LYS A 119 -20.55 -16.11 -3.44
CA LYS A 119 -20.56 -16.51 -2.02
C LYS A 119 -19.41 -17.43 -1.64
N LYS A 120 -18.30 -17.35 -2.36
CA LYS A 120 -17.07 -18.05 -2.01
C LYS A 120 -16.11 -17.17 -1.22
N GLY A 121 -16.52 -15.94 -0.91
CA GLY A 121 -15.63 -14.99 -0.28
C GLY A 121 -14.97 -14.10 -1.32
N VAL A 122 -14.52 -12.94 -0.84
CA VAL A 122 -13.87 -11.94 -1.68
C VAL A 122 -12.64 -11.41 -0.93
N VAL A 123 -11.50 -11.42 -1.62
CA VAL A 123 -10.26 -10.82 -1.13
C VAL A 123 -9.98 -9.61 -1.98
N LEU A 124 -10.08 -8.43 -1.36
CA LEU A 124 -9.74 -7.18 -2.02
C LEU A 124 -8.25 -6.92 -1.81
N ILE A 125 -7.51 -6.87 -2.89
CA ILE A 125 -6.07 -6.66 -2.89
C ILE A 125 -5.82 -5.18 -3.16
N VAL A 126 -5.30 -4.48 -2.16
CA VAL A 126 -5.19 -3.01 -2.18
C VAL A 126 -3.73 -2.62 -1.97
N PRO A 127 -3.02 -2.23 -3.02
CA PRO A 127 -1.63 -1.74 -2.84
C PRO A 127 -1.62 -0.42 -2.09
N HIS A 128 -0.47 -0.06 -1.50
CA HIS A 128 -0.36 1.26 -0.87
C HIS A 128 -0.14 2.28 -1.97
N PHE A 129 -1.24 2.87 -2.42
CA PHE A 129 -1.26 3.63 -3.66
C PHE A 129 -2.46 4.56 -3.60
N GLY A 130 -2.35 5.72 -4.25
CA GLY A 130 -3.53 6.59 -4.38
C GLY A 130 -4.12 6.95 -3.04
N THR A 131 -5.45 6.96 -2.95
CA THR A 131 -6.16 7.28 -1.70
C THR A 131 -6.99 6.06 -1.30
N TRP A 132 -6.29 4.99 -0.87
CA TRP A 132 -6.95 3.70 -0.78
C TRP A 132 -8.00 3.64 0.33
N ALA A 133 -7.80 4.40 1.41
CA ALA A 133 -8.72 4.37 2.52
C ALA A 133 -10.11 4.87 2.14
N VAL A 134 -10.24 5.58 1.02
CA VAL A 134 -11.55 6.06 0.63
C VAL A 134 -12.47 4.93 0.17
N MET A 135 -11.91 3.77 -0.23
CA MET A 135 -12.77 2.73 -0.83
C MET A 135 -13.60 1.97 0.20
N ASN A 136 -13.16 1.93 1.46
CA ASN A 136 -13.72 1.02 2.43
C ASN A 136 -15.21 1.29 2.66
N ALA A 137 -15.55 2.52 3.05
CA ALA A 137 -16.95 2.87 3.26
C ALA A 137 -17.82 2.36 2.11
N TRP A 138 -17.37 2.58 0.87
CA TRP A 138 -18.21 2.17 -0.25
C TRP A 138 -18.36 0.65 -0.27
N CYS A 139 -17.24 -0.07 -0.19
CA CYS A 139 -17.32 -1.53 -0.16
C CYS A 139 -18.22 -1.99 0.96
N ALA A 140 -18.17 -1.30 2.11
CA ALA A 140 -18.85 -1.85 3.27
C ALA A 140 -20.36 -1.84 3.10
N GLN A 141 -20.89 -1.07 2.16
CA GLN A 141 -22.35 -1.11 2.11
C GLN A 141 -22.87 -2.39 1.47
N PHE A 142 -22.00 -3.21 0.85
CA PHE A 142 -22.47 -4.42 0.17
C PHE A 142 -22.04 -5.72 0.85
N THR A 143 -21.21 -5.67 1.89
CA THR A 143 -20.62 -6.88 2.45
C THR A 143 -20.10 -6.57 3.84
N SER A 144 -20.02 -7.60 4.69
CA SER A 144 -19.27 -7.48 5.92
C SER A 144 -17.79 -7.72 5.63
N MET A 145 -16.95 -6.98 6.35
CA MET A 145 -15.53 -6.99 6.07
C MET A 145 -14.75 -7.35 7.33
N THR A 146 -13.84 -8.30 7.20
CA THR A 146 -12.92 -8.65 8.27
C THR A 146 -11.51 -8.30 7.82
N ILE A 147 -10.77 -7.56 8.67
CA ILE A 147 -9.54 -6.91 8.27
C ILE A 147 -8.46 -7.15 9.32
N LEU A 148 -7.27 -7.54 8.88
CA LEU A 148 -6.11 -7.49 9.75
C LEU A 148 -5.89 -6.06 10.21
N TYR A 149 -5.58 -5.89 11.49
CA TYR A 149 -5.32 -4.58 12.02
C TYR A 149 -4.10 -4.64 12.92
N LYS A 150 -3.17 -3.70 12.75
CA LYS A 150 -2.03 -3.57 13.64
CA LYS A 150 -2.03 -3.57 13.64
C LYS A 150 -2.19 -2.27 14.42
N PRO A 151 -2.26 -2.31 15.75
CA PRO A 151 -2.47 -1.07 16.50
C PRO A 151 -1.37 -0.06 16.18
N VAL A 152 -1.79 1.19 15.94
CA VAL A 152 -0.82 2.26 15.70
C VAL A 152 0.04 2.43 16.94
N LYS A 153 1.32 2.71 16.73
CA LYS A 153 2.27 2.77 17.84
C LYS A 153 1.86 3.80 18.88
N ASN A 154 1.28 4.92 18.45
CA ASN A 154 0.81 5.96 19.36
C ASN A 154 -0.65 5.72 19.71
N ALA A 155 -0.99 5.91 21.00
CA ALA A 155 -2.30 5.51 21.51
C ALA A 155 -3.41 6.41 20.99
N ASP A 156 -3.18 7.72 20.93
CA ASP A 156 -4.21 8.64 20.45
C ASP A 156 -4.51 8.38 18.98
N ALA A 157 -3.46 8.23 18.16
CA ALA A 157 -3.67 7.92 16.75
C ALA A 157 -4.41 6.60 16.58
N ASP A 158 -4.02 5.58 17.34
CA ASP A 158 -4.70 4.29 17.27
C ASP A 158 -6.19 4.48 17.54
N ARG A 159 -6.50 5.16 18.65
CA ARG A 159 -7.84 5.61 19.00
C ARG A 159 -8.58 6.19 17.78
N PHE A 160 -8.03 7.25 17.19
CA PHE A 160 -8.66 7.91 16.06
C PHE A 160 -8.98 6.94 14.93
N VAL A 161 -7.97 6.16 14.53
CA VAL A 161 -8.12 5.24 13.42
C VAL A 161 -9.24 4.24 13.68
N ARG A 162 -9.36 3.77 14.93
CA ARG A 162 -10.36 2.73 15.18
C ARG A 162 -11.78 3.28 15.33
N GLU A 163 -11.95 4.54 15.76
CA GLU A 163 -13.28 5.14 15.54
C GLU A 163 -13.61 5.12 14.08
N ALA A 164 -12.64 5.48 13.23
CA ALA A 164 -12.89 5.47 11.80
C ALA A 164 -13.35 4.08 11.33
N ARG A 165 -12.61 3.03 11.73
CA ARG A 165 -12.92 1.69 11.22
C ARG A 165 -14.21 1.15 11.84
N SER A 166 -14.46 1.46 13.11
CA SER A 166 -15.71 1.04 13.73
C SER A 166 -16.92 1.69 13.06
N ARG A 167 -16.79 2.95 12.66
CA ARG A 167 -17.89 3.61 11.95
C ARG A 167 -18.15 2.92 10.62
N GLU A 168 -17.11 2.36 10.03
CA GLU A 168 -17.22 1.59 8.80
C GLU A 168 -17.74 0.18 9.03
N GLN A 169 -17.98 -0.20 10.29
CA GLN A 169 -18.44 -1.55 10.66
C GLN A 169 -17.39 -2.60 10.34
N ALA A 170 -16.14 -2.21 10.14
CA ALA A 170 -15.10 -3.20 9.87
C ALA A 170 -14.91 -4.11 11.08
N ASN A 171 -14.75 -5.41 10.84
CA ASN A 171 -14.40 -6.35 11.89
C ASN A 171 -12.87 -6.43 11.93
N LEU A 172 -12.26 -5.75 12.89
CA LEU A 172 -10.81 -5.75 13.00
C LEU A 172 -10.34 -6.99 13.76
N VAL A 173 -9.25 -7.59 13.29
CA VAL A 173 -8.70 -8.78 13.93
C VAL A 173 -7.20 -8.66 14.00
N PRO A 174 -6.57 -9.33 15.00
CA PRO A 174 -5.14 -9.14 15.21
C PRO A 174 -4.30 -9.70 14.07
N THR A 175 -3.12 -9.12 13.88
CA THR A 175 -2.22 -9.57 12.81
CA THR A 175 -2.21 -9.56 12.82
C THR A 175 -1.38 -10.74 13.32
N ASP A 176 -2.07 -11.86 13.52
CA ASP A 176 -1.44 -13.11 13.91
C ASP A 176 -2.32 -14.24 13.40
N GLU A 177 -2.00 -15.47 13.80
CA GLU A 177 -2.74 -16.57 13.19
C GLU A 177 -4.19 -16.62 13.65
N SER A 178 -4.55 -16.02 14.79
CA SER A 178 -5.97 -15.96 15.14
C SER A 178 -6.72 -15.03 14.18
N GLY A 179 -6.09 -13.92 13.79
CA GLY A 179 -6.73 -13.06 12.81
C GLY A 179 -6.88 -13.74 11.46
N VAL A 180 -5.84 -14.48 11.06
CA VAL A 180 -5.89 -15.25 9.81
C VAL A 180 -7.01 -16.28 9.87
N ARG A 181 -7.17 -16.97 11.01
CA ARG A 181 -8.27 -17.94 11.10
C ARG A 181 -9.62 -17.25 10.99
N GLN A 182 -9.76 -16.06 11.60
CA GLN A 182 -11.02 -15.33 11.51
C GLN A 182 -11.29 -14.86 10.08
N ILE A 183 -10.24 -14.56 9.32
CA ILE A 183 -10.44 -14.18 7.91
C ILE A 183 -10.85 -15.39 7.08
N PHE A 184 -10.17 -16.53 7.26
CA PHE A 184 -10.64 -17.75 6.60
C PHE A 184 -12.11 -18.00 6.88
N LYS A 185 -12.52 -17.89 8.15
CA LYS A 185 -13.91 -18.11 8.51
C LYS A 185 -14.84 -17.15 7.78
N ALA A 186 -14.49 -15.86 7.77
CA ALA A 186 -15.32 -14.89 7.07
C ALA A 186 -15.43 -15.21 5.57
N LEU A 187 -14.32 -15.58 4.93
CA LEU A 187 -14.40 -15.92 3.50
C LEU A 187 -15.29 -17.14 3.27
N LYS A 188 -15.21 -18.13 4.15
CA LYS A 188 -16.06 -19.31 4.00
C LYS A 188 -17.53 -18.93 3.98
N GLN A 189 -17.91 -17.94 4.77
CA GLN A 189 -19.26 -17.42 4.86
C GLN A 189 -19.63 -16.51 3.70
N GLY A 190 -18.73 -16.32 2.73
CA GLY A 190 -19.00 -15.44 1.62
C GLY A 190 -18.73 -13.97 1.87
N GLU A 191 -18.01 -13.63 2.93
CA GLU A 191 -17.76 -12.23 3.26
C GLU A 191 -16.43 -11.79 2.64
N THR A 192 -15.95 -10.61 3.02
CA THR A 192 -14.89 -9.92 2.31
C THR A 192 -13.79 -9.55 3.27
N THR A 193 -12.56 -9.54 2.77
CA THR A 193 -11.42 -9.01 3.51
C THR A 193 -10.63 -8.07 2.62
N VAL A 194 -9.87 -7.17 3.23
CA VAL A 194 -8.99 -6.24 2.51
C VAL A 194 -7.58 -6.55 2.95
N ILE A 195 -6.70 -6.82 1.99
CA ILE A 195 -5.30 -7.08 2.28
C ILE A 195 -4.47 -6.07 1.51
N LEU A 196 -3.56 -5.40 2.21
CA LEU A 196 -2.57 -4.60 1.52
C LEU A 196 -1.31 -5.45 1.46
N PRO A 197 -0.93 -5.94 0.29
CA PRO A 197 0.08 -7.02 0.23
C PRO A 197 1.51 -6.58 -0.04
N ASP A 198 1.78 -5.28 -0.07
CA ASP A 198 3.01 -4.79 -0.67
C ASP A 198 4.00 -4.25 0.34
N HIS A 199 3.84 -4.60 1.61
CA HIS A 199 4.87 -4.28 2.60
C HIS A 199 5.66 -5.53 2.95
N THR A 200 6.73 -5.32 3.71
CA THR A 200 7.53 -6.46 4.10
C THR A 200 6.97 -7.04 5.39
N PRO A 201 6.75 -8.34 5.49
CA PRO A 201 6.21 -8.88 6.75
C PRO A 201 7.17 -8.64 7.90
N ASN A 202 6.61 -8.45 9.10
CA ASN A 202 7.41 -8.33 10.31
C ASN A 202 8.07 -9.66 10.67
N VAL A 203 7.44 -10.78 10.34
CA VAL A 203 7.93 -12.13 10.64
C VAL A 203 7.75 -13.02 9.40
N GLY A 204 8.82 -13.69 8.97
CA GLY A 204 8.77 -14.49 7.71
C GLY A 204 8.76 -13.59 6.47
N GLY A 205 8.47 -13.97 5.23
CA GLY A 205 8.27 -15.27 4.68
C GLY A 205 9.08 -15.41 3.39
N ASP A 206 8.47 -15.24 2.22
CA ASP A 206 8.96 -15.92 1.01
C ASP A 206 9.70 -14.97 0.08
N MET A 207 10.80 -15.43 -0.49
CA MET A 207 11.56 -14.58 -1.40
C MET A 207 10.82 -14.59 -2.73
N VAL A 208 10.11 -13.50 -3.04
CA VAL A 208 9.34 -13.39 -4.29
C VAL A 208 9.83 -12.16 -5.05
N ASN A 209 10.00 -12.30 -6.37
CA ASN A 209 10.56 -11.20 -7.13
C ASN A 209 9.61 -10.01 -7.15
N TYR A 210 10.19 -8.84 -7.03
CA TYR A 210 9.48 -7.57 -7.04
C TYR A 210 10.34 -6.63 -7.87
N PHE A 211 9.83 -6.21 -9.02
CA PHE A 211 10.63 -5.44 -9.98
C PHE A 211 11.98 -6.12 -10.27
N GLY A 212 11.95 -7.44 -10.38
CA GLY A 212 13.15 -8.22 -10.66
C GLY A 212 14.03 -8.50 -9.46
N VAL A 213 13.65 -8.07 -8.26
CA VAL A 213 14.48 -8.21 -7.06
C VAL A 213 13.78 -9.19 -6.14
N PRO A 214 14.41 -10.29 -5.73
CA PRO A 214 13.75 -11.19 -4.76
C PRO A 214 13.64 -10.48 -3.41
N LEU A 215 12.43 -10.36 -2.91
CA LEU A 215 12.19 -9.69 -1.64
C LEU A 215 11.36 -10.59 -0.76
N ALA A 216 11.64 -10.60 0.55
CA ALA A 216 10.78 -11.32 1.49
C ALA A 216 9.36 -10.74 1.46
N SER A 217 8.36 -11.61 1.29
CA SER A 217 7.01 -11.16 0.97
C SER A 217 5.99 -11.96 1.73
N SER A 218 4.89 -11.30 2.05
N SER A 218 4.87 -11.31 2.04
CA SER A 218 3.75 -12.01 2.61
CA SER A 218 3.73 -12.00 2.63
C SER A 218 3.19 -13.01 1.59
C SER A 218 3.10 -12.95 1.62
N ASN A 219 2.67 -14.11 2.08
CA ASN A 219 1.95 -15.09 1.25
C ASN A 219 0.47 -15.13 1.58
N LEU A 220 0.02 -14.21 2.42
CA LEU A 220 -1.32 -14.31 2.99
C LEU A 220 -2.40 -14.30 1.92
N SER A 221 -2.39 -13.28 1.06
CA SER A 221 -3.38 -13.20 -0.01
C SER A 221 -3.49 -14.53 -0.76
N ALA A 222 -2.35 -15.04 -1.25
CA ALA A 222 -2.36 -16.27 -2.05
C ALA A 222 -2.83 -17.47 -1.24
N LYS A 223 -2.46 -17.57 0.03
CA LYS A 223 -2.92 -18.71 0.82
C LYS A 223 -4.43 -18.69 1.00
N LEU A 224 -4.98 -17.51 1.35
CA LEU A 224 -6.43 -17.38 1.49
C LEU A 224 -7.12 -17.73 0.19
N ILE A 225 -6.64 -17.16 -0.92
CA ILE A 225 -7.33 -17.29 -2.20
C ILE A 225 -7.25 -18.72 -2.72
N GLN A 226 -6.08 -19.35 -2.60
CA GLN A 226 -5.93 -20.66 -3.19
C GLN A 226 -6.64 -21.73 -2.37
N LYS A 227 -6.75 -21.54 -1.03
CA LYS A 227 -7.51 -22.54 -0.28
C LYS A 227 -9.02 -22.32 -0.43
N THR A 228 -9.50 -21.10 -0.19
CA THR A 228 -10.95 -20.88 -0.16
C THR A 228 -11.59 -20.82 -1.54
N LYS A 229 -10.79 -20.66 -2.60
N LYS A 229 -10.79 -20.65 -2.60
CA LYS A 229 -11.25 -20.33 -3.94
CA LYS A 229 -11.29 -20.35 -3.94
C LYS A 229 -12.08 -19.04 -3.97
C LYS A 229 -12.08 -19.04 -3.98
N ALA A 230 -11.89 -18.18 -2.98
CA ALA A 230 -12.51 -16.86 -3.01
C ALA A 230 -12.07 -16.10 -4.26
N LYS A 231 -12.87 -15.11 -4.65
CA LYS A 231 -12.52 -14.29 -5.79
C LYS A 231 -11.56 -13.20 -5.33
N ALA A 232 -10.55 -12.94 -6.14
CA ALA A 232 -9.56 -11.93 -5.83
C ALA A 232 -9.77 -10.73 -6.75
N LEU A 233 -9.96 -9.55 -6.15
CA LEU A 233 -10.12 -8.31 -6.90
C LEU A 233 -8.98 -7.38 -6.54
N PHE A 234 -8.47 -6.66 -7.52
CA PHE A 234 -7.38 -5.68 -7.37
C PHE A 234 -8.00 -4.29 -7.41
N LEU A 235 -7.82 -3.50 -6.33
CA LEU A 235 -8.56 -2.26 -6.13
C LEU A 235 -7.63 -1.06 -5.98
N TYR A 236 -8.05 0.10 -6.50
CA TYR A 236 -7.29 1.31 -6.20
C TYR A 236 -8.15 2.52 -6.52
N ALA A 237 -7.88 3.63 -5.85
CA ALA A 237 -8.62 4.86 -6.04
C ALA A 237 -7.65 6.00 -6.27
N ILE A 238 -8.00 6.89 -7.19
CA ILE A 238 -7.17 8.04 -7.55
C ILE A 238 -8.02 9.31 -7.44
N ARG A 239 -7.46 10.37 -6.85
CA ARG A 239 -8.22 11.59 -6.70
C ARG A 239 -8.49 12.20 -8.08
N ASN A 240 -9.66 12.81 -8.24
CA ASN A 240 -10.00 13.48 -9.49
C ASN A 240 -9.59 14.93 -9.46
N GLU A 241 -9.68 15.59 -10.63
CA GLU A 241 -9.35 17.00 -10.73
C GLU A 241 -10.12 17.85 -9.71
N ASN A 242 -11.36 17.46 -9.39
CA ASN A 242 -12.26 18.28 -8.58
C ASN A 242 -12.81 17.46 -7.41
N ASP A 243 -12.00 17.31 -6.37
CA ASP A 243 -12.43 16.91 -5.03
C ASP A 243 -13.04 15.51 -4.92
N GLY A 244 -13.25 14.82 -6.04
CA GLY A 244 -13.72 13.46 -6.02
C GLY A 244 -12.60 12.44 -6.19
N PHE A 245 -12.99 11.16 -6.20
CA PHE A 245 -12.08 10.05 -6.45
C PHE A 245 -12.70 9.08 -7.43
N THR A 246 -11.87 8.50 -8.30
CA THR A 246 -12.26 7.40 -9.16
C THR A 246 -11.71 6.10 -8.60
N MET A 247 -12.59 5.15 -8.36
CA MET A 247 -12.26 3.81 -7.88
C MET A 247 -12.20 2.79 -9.03
N HIS A 248 -11.27 1.86 -8.96
CA HIS A 248 -11.02 0.85 -9.99
C HIS A 248 -11.00 -0.53 -9.36
N ILE A 249 -11.84 -1.42 -9.87
CA ILE A 249 -11.94 -2.81 -9.44
C ILE A 249 -11.58 -3.67 -10.64
N GLU A 250 -10.58 -4.55 -10.48
CA GLU A 250 -10.07 -5.33 -11.61
C GLU A 250 -9.90 -6.77 -11.15
N PRO A 251 -10.37 -7.75 -11.92
CA PRO A 251 -10.19 -9.15 -11.50
C PRO A 251 -8.71 -9.53 -11.55
N MET A 252 -8.29 -10.33 -10.59
CA MET A 252 -6.94 -10.86 -10.65
C MET A 252 -6.88 -11.93 -11.74
N ASP A 253 -5.80 -11.92 -12.51
CA ASP A 253 -5.43 -13.01 -13.39
C ASP A 253 -5.73 -14.35 -12.75
N GLU A 254 -6.36 -15.25 -13.50
CA GLU A 254 -6.72 -16.55 -12.96
C GLU A 254 -5.51 -17.41 -12.62
N LYS A 255 -4.35 -17.12 -13.21
CA LYS A 255 -3.12 -17.78 -12.79
C LYS A 255 -2.92 -17.72 -11.28
N ILE A 256 -3.56 -16.76 -10.61
CA ILE A 256 -3.35 -16.62 -9.17
C ILE A 256 -3.75 -17.88 -8.43
N TYR A 257 -4.67 -18.68 -9.00
CA TYR A 257 -5.11 -19.91 -8.35
C TYR A 257 -4.14 -21.06 -8.53
N GLU A 258 -3.15 -20.94 -9.39
CA GLU A 258 -2.31 -22.07 -9.74
C GLU A 258 -1.03 -22.08 -8.92
N GLY A 259 -0.49 -23.28 -8.71
CA GLY A 259 0.82 -23.43 -8.12
C GLY A 259 0.81 -23.22 -6.62
N THR A 260 2.00 -22.88 -6.11
CA THR A 260 2.22 -22.61 -4.70
C THR A 260 1.72 -21.20 -4.35
N ALA A 261 1.62 -20.93 -3.05
CA ALA A 261 1.30 -19.57 -2.61
C ALA A 261 2.30 -18.57 -3.16
N ASP A 262 3.59 -18.95 -3.20
CA ASP A 262 4.61 -18.07 -3.80
C ASP A 262 4.28 -17.70 -5.24
N ASP A 263 3.73 -18.64 -6.00
CA ASP A 263 3.36 -18.36 -7.39
C ASP A 263 2.25 -17.33 -7.46
N GLY A 264 1.21 -17.50 -6.64
CA GLY A 264 0.13 -16.52 -6.56
C GLY A 264 0.63 -15.16 -6.10
N THR A 265 1.52 -15.16 -5.10
CA THR A 265 2.13 -13.90 -4.65
C THR A 265 2.80 -13.19 -5.82
N TYR A 266 3.51 -13.95 -6.64
CA TYR A 266 4.16 -13.35 -7.80
C TYR A 266 3.14 -12.73 -8.75
N VAL A 267 1.96 -13.36 -8.90
CA VAL A 267 0.91 -12.77 -9.74
C VAL A 267 0.43 -11.43 -9.16
N ILE A 268 0.32 -11.35 -7.84
CA ILE A 268 -0.04 -10.07 -7.22
C ILE A 268 1.04 -9.02 -7.47
N HIS A 269 2.30 -9.42 -7.35
CA HIS A 269 3.42 -8.54 -7.62
C HIS A 269 3.35 -7.99 -9.04
N GLN A 270 3.01 -8.84 -10.01
CA GLN A 270 2.88 -8.36 -11.38
CA GLN A 270 2.88 -8.36 -11.38
C GLN A 270 1.79 -7.31 -11.50
N ALA A 271 0.64 -7.53 -10.85
CA ALA A 271 -0.44 -6.54 -10.90
C ALA A 271 0.01 -5.21 -10.31
N ILE A 272 0.77 -5.26 -9.22
CA ILE A 272 1.27 -4.04 -8.59
C ILE A 272 2.26 -3.32 -9.50
N GLU A 273 3.20 -4.06 -10.07
CA GLU A 273 4.14 -3.52 -11.03
C GLU A 273 3.44 -2.79 -12.16
N GLN A 274 2.37 -3.39 -12.71
CA GLN A 274 1.73 -2.77 -13.85
C GLN A 274 1.03 -1.50 -13.44
N LEU A 275 0.42 -1.50 -12.26
CA LEU A 275 -0.25 -0.29 -11.78
C LEU A 275 0.75 0.85 -11.60
N ILE A 276 1.90 0.54 -11.02
CA ILE A 276 2.98 1.51 -10.84
C ILE A 276 3.50 2.03 -12.18
N TYR A 277 3.73 1.12 -13.12
CA TYR A 277 4.22 1.53 -14.43
C TYR A 277 3.28 2.55 -15.05
N GLN A 278 1.97 2.34 -14.88
CA GLN A 278 1.01 3.26 -15.46
C GLN A 278 0.90 4.54 -14.65
N TYR A 279 0.96 4.45 -13.32
CA TYR A 279 0.75 5.59 -12.44
C TYR A 279 1.88 5.70 -11.42
N PRO A 280 3.11 5.90 -11.86
CA PRO A 280 4.22 5.91 -10.89
C PRO A 280 4.11 7.04 -9.86
N GLU A 281 3.45 8.14 -10.19
CA GLU A 281 3.31 9.27 -9.26
C GLU A 281 2.29 9.02 -8.16
N HIS A 282 1.48 7.98 -8.27
CA HIS A 282 0.50 7.68 -7.24
C HIS A 282 0.91 6.56 -6.31
N TYR A 283 2.05 5.91 -6.56
CA TYR A 283 2.48 4.91 -5.60
C TYR A 283 3.09 5.57 -4.36
N HIS A 284 2.94 4.91 -3.21
CA HIS A 284 3.46 5.47 -1.95
C HIS A 284 4.90 5.01 -1.77
N TRP A 285 5.83 5.79 -2.33
CA TRP A 285 7.21 5.36 -2.44
C TRP A 285 8.04 5.54 -1.16
N SER A 286 7.49 6.12 -0.09
CA SER A 286 8.32 6.33 1.10
C SER A 286 8.74 5.01 1.75
N TYR A 287 7.97 3.95 1.59
CA TYR A 287 8.26 2.71 2.33
C TYR A 287 9.52 2.04 1.80
N LYS A 288 10.36 1.56 2.72
CA LYS A 288 11.69 1.03 2.38
CA LYS A 288 11.69 1.03 2.38
C LYS A 288 11.61 -0.46 2.03
N ARG A 289 10.83 -0.74 0.99
CA ARG A 289 10.52 -2.12 0.66
C ARG A 289 11.75 -2.91 0.21
N PHE A 290 12.71 -2.27 -0.47
CA PHE A 290 13.80 -2.99 -1.13
C PHE A 290 14.92 -3.40 -0.19
N LYS A 291 14.80 -3.07 1.09
CA LYS A 291 15.71 -3.59 2.09
C LYS A 291 15.48 -5.06 2.38
N ALA A 292 14.38 -5.64 1.91
CA ALA A 292 13.95 -6.97 2.33
C ALA A 292 14.68 -8.09 1.59
N ASN A 293 16.00 -8.02 1.52
CA ASN A 293 16.86 -9.04 0.91
C ASN A 293 18.17 -8.99 1.68
N PRO A 294 18.78 -10.15 1.99
CA PRO A 294 19.98 -10.11 2.86
C PRO A 294 21.16 -9.40 2.22
N ALA A 295 21.18 -9.25 0.90
CA ALA A 295 22.21 -8.44 0.27
C ALA A 295 21.89 -6.95 0.32
N LEU A 296 20.67 -6.57 0.68
CA LEU A 296 20.18 -5.21 0.49
C LEU A 296 19.86 -4.51 1.81
N ASP A 297 20.26 -5.10 2.94
CA ASP A 297 19.87 -4.60 4.26
C ASP A 297 20.18 -3.13 4.47
N ASN A 298 21.24 -2.62 3.86
CA ASN A 298 21.67 -1.25 4.15
C ASN A 298 21.62 -0.34 2.93
N ILE A 299 20.76 -0.60 1.96
CA ILE A 299 20.84 0.23 0.75
C ILE A 299 20.27 1.62 0.95
N TYR A 300 19.43 1.84 1.96
CA TYR A 300 18.91 3.19 2.15
C TYR A 300 19.86 4.04 2.97
N ASN A 301 20.94 3.45 3.47
CA ASN A 301 21.87 4.13 4.36
C ASN A 301 23.24 4.34 3.74
N ILE A 302 23.44 3.96 2.47
CA ILE A 302 24.74 4.13 1.85
C ILE A 302 24.61 5.12 0.70
N ASP A 303 25.64 5.19 -0.13
CA ASP A 303 25.63 6.09 -1.27
C ASP A 303 24.65 5.56 -2.31
N PRO A 304 23.71 6.39 -2.78
CA PRO A 304 22.69 5.89 -3.73
C PRO A 304 23.26 5.15 -4.95
N THR A 305 24.40 5.58 -5.49
CA THR A 305 24.92 4.93 -6.70
C THR A 305 25.45 3.52 -6.38
N GLU A 306 26.16 3.36 -5.26
CA GLU A 306 26.61 2.05 -4.86
C GLU A 306 25.43 1.13 -4.58
N ALA A 307 24.44 1.64 -3.83
CA ALA A 307 23.18 0.91 -3.66
C ALA A 307 22.67 0.38 -4.99
N LEU A 308 22.55 1.27 -5.98
CA LEU A 308 22.03 0.82 -7.28
C LEU A 308 22.93 -0.21 -7.92
N LYS A 309 24.24 -0.15 -7.70
CA LYS A 309 25.12 -1.16 -8.27
C LYS A 309 24.87 -2.52 -7.63
N ILE A 310 24.67 -2.55 -6.31
CA ILE A 310 24.36 -3.79 -5.60
C ILE A 310 23.05 -4.37 -6.13
N VAL A 311 22.04 -3.53 -6.27
CA VAL A 311 20.74 -3.98 -6.79
C VAL A 311 20.92 -4.59 -8.18
N ASP A 312 21.69 -3.92 -9.05
CA ASP A 312 21.87 -4.43 -10.40
C ASP A 312 22.60 -5.77 -10.41
N ARG A 313 23.67 -5.88 -9.62
CA ARG A 313 24.29 -7.18 -9.42
C ARG A 313 23.25 -8.23 -9.07
N LEU A 314 22.34 -7.89 -8.15
CA LEU A 314 21.39 -8.87 -7.64
C LEU A 314 20.38 -9.29 -8.70
N LYS A 315 19.76 -8.32 -9.38
CA LYS A 315 18.85 -8.68 -10.47
C LYS A 315 19.57 -9.50 -11.52
N ALA A 316 20.87 -9.25 -11.68
CA ALA A 316 21.67 -10.00 -12.64
C ALA A 316 21.82 -11.46 -12.22
N GLU A 317 21.88 -11.73 -10.91
CA GLU A 317 22.04 -13.13 -10.52
C GLU A 317 20.70 -13.86 -10.44
N ALA A 318 19.61 -13.14 -10.12
CA ALA A 318 18.30 -13.79 -10.07
C ALA A 318 17.88 -14.39 -11.42
N LEU A 319 18.48 -13.98 -12.53
CA LEU A 319 18.05 -14.51 -13.83
C LEU A 319 18.66 -15.89 -14.04
N LYS A 320 19.98 -15.98 -13.93
CA LYS A 320 20.68 -17.21 -14.28
C LYS A 320 20.47 -18.26 -13.22
N THR A 321 20.34 -17.84 -11.95
CA THR A 321 20.02 -18.83 -10.92
C THR A 321 18.62 -19.39 -11.12
N SER A 322 17.76 -18.68 -11.87
CA SER A 322 16.42 -19.18 -12.17
C SER A 322 16.43 -20.17 -13.34
N THR A 323 17.18 -19.86 -14.41
CA THR A 323 17.37 -20.88 -15.44
C THR A 323 18.13 -22.09 -14.89
N GLN A 324 19.02 -21.85 -13.94
CA GLN A 324 19.71 -22.92 -13.24
C GLN A 324 18.72 -23.69 -12.37
N PRO A 325 18.86 -25.01 -12.25
CA PRO A 325 17.87 -25.78 -11.48
C PRO A 325 18.02 -25.65 -9.96
N GLU A 326 19.10 -24.96 -9.44
CA GLU A 326 19.10 -24.95 -7.98
C GLU A 326 18.41 -23.68 -7.46
N PRO A 327 17.60 -23.79 -6.27
CA PRO A 327 16.87 -22.63 -5.73
C PRO A 327 17.77 -21.73 -4.91
N ILE A 328 18.53 -20.90 -5.63
CA ILE A 328 19.42 -19.92 -4.99
C ILE A 328 18.60 -18.82 -4.34
N GLN A 329 17.66 -18.24 -5.08
CA GLN A 329 17.02 -17.01 -4.63
CA GLN A 329 16.98 -17.01 -4.67
C GLN A 329 15.95 -17.23 -3.57
N THR A 330 15.37 -18.44 -3.48
CA THR A 330 14.34 -18.69 -2.46
C THR A 330 14.92 -19.20 -1.16
N SER A 331 16.23 -19.42 -1.11
CA SER A 331 16.89 -19.90 0.10
C SER A 331 16.97 -18.77 1.12
N VAL A 332 16.41 -19.02 2.29
CA VAL A 332 16.40 -18.06 3.39
C VAL A 332 17.37 -18.55 4.46
N MET A 333 18.27 -17.68 4.88
CA MET A 333 19.39 -18.16 5.70
C MET A 333 19.48 -17.38 7.00
S SO4 B . -19.34 -2.34 -14.72
O1 SO4 B . -19.17 -3.48 -15.61
O2 SO4 B . -19.89 -1.21 -15.45
O3 SO4 B . -18.06 -1.93 -14.18
O4 SO4 B . -20.26 -2.70 -13.65
S SO4 C . 17.20 1.73 7.09
O1 SO4 C . 17.43 1.73 5.66
O2 SO4 C . 17.97 2.81 7.69
O3 SO4 C . 17.61 0.47 7.70
O4 SO4 C . 15.79 1.98 7.38
S SO4 D . -15.63 17.42 1.39
O1 SO4 D . -15.36 18.33 0.28
O2 SO4 D . -16.71 17.92 2.22
O3 SO4 D . -16.00 16.11 0.81
O4 SO4 D . -14.45 17.27 2.24
S SO4 E . 1.26 -23.66 -0.60
O1 SO4 E . 1.84 -22.69 -1.51
O2 SO4 E . 0.04 -23.13 0.02
O3 SO4 E . 0.97 -24.87 -1.36
O4 SO4 E . 2.22 -23.97 0.46
C1 GOL F . -23.33 7.91 7.77
O1 GOL F . -24.27 7.39 6.86
C2 GOL F . -22.83 6.76 8.63
O2 GOL F . -21.91 7.24 9.57
C3 GOL F . -24.02 6.09 9.32
O3 GOL F . -23.72 4.74 9.52
C1 GOL G . 6.45 12.77 2.86
O1 GOL G . 7.33 13.08 1.81
C2 GOL G . 5.90 11.36 2.65
O2 GOL G . 5.45 11.25 1.34
C3 GOL G . 4.72 11.12 3.59
O3 GOL G . 4.79 9.83 4.12
C1 GOL H . 9.70 21.19 23.60
O1 GOL H . 9.67 22.57 23.33
C2 GOL H . 10.76 20.91 24.66
O2 GOL H . 10.91 22.01 25.53
C3 GOL H . 10.36 19.66 25.45
O3 GOL H . 9.17 19.13 24.92
C1B LMT I . -2.87 1.70 10.53
C2B LMT I . -2.96 0.29 11.06
C3B LMT I . -3.14 -0.67 9.93
C4B LMT I . -4.38 -0.39 9.15
C5B LMT I . -4.42 1.08 8.70
C6B LMT I . -5.78 1.35 8.10
O1B LMT I . -1.81 1.75 9.67
O2B LMT I . -1.73 -0.02 11.76
O3B LMT I . -3.18 -2.03 10.45
O4' LMT I . -4.43 -1.25 7.99
O5B LMT I . -4.14 2.04 9.79
O6B LMT I . -6.70 1.64 9.11
C1' LMT I . 1.32 4.56 9.25
C2' LMT I . 1.01 4.01 10.64
C3' LMT I . 0.18 2.77 10.57
C4' LMT I . -1.08 2.99 9.78
C5' LMT I . -0.66 3.47 8.39
C6' LMT I . -1.76 3.69 7.41
O1' LMT I . 1.95 5.80 9.34
O2' LMT I . 2.24 3.71 11.32
O3' LMT I . -0.12 2.33 11.93
O5' LMT I . 0.06 4.76 8.49
O6' LMT I . -1.12 3.82 6.16
C1 LMT I . 2.40 6.29 8.07
C2 LMT I . 3.57 7.29 8.29
C3 LMT I . 3.04 8.50 9.13
C4 LMT I . 1.78 9.08 8.43
C5 LMT I . 1.17 10.19 9.34
C6 LMT I . 0.89 11.44 8.46
C7 LMT I . 0.29 12.53 9.40
C8 LMT I . -0.69 13.44 8.62
C9 LMT I . -1.44 14.29 9.69
C10 LMT I . -0.72 15.64 9.97
C11 LMT I . -0.20 15.68 11.43
C12 LMT I . -1.37 15.77 12.41
C1B LMT J . 3.67 -1.61 7.64
C2B LMT J . 2.58 -0.55 7.80
C3B LMT J . 1.30 -1.06 8.36
C4B LMT J . 0.83 -2.36 7.77
C5B LMT J . 1.92 -3.41 7.54
C6B LMT J . 1.36 -4.48 6.63
O1B LMT J . 4.36 -1.94 8.77
O2B LMT J . 3.09 0.57 8.56
O3B LMT J . 0.30 -0.06 8.05
O4' LMT J . -0.14 -2.97 8.64
O5B LMT J . 3.15 -2.86 6.96
O6B LMT J . 0.53 -3.95 5.63
C1' LMT J . 8.53 -2.68 8.56
C2' LMT J . 8.03 -1.24 8.44
C3' LMT J . 6.61 -1.09 8.89
C4' LMT J . 5.71 -2.12 8.30
C5' LMT J . 6.27 -3.51 8.64
C6' LMT J . 5.28 -4.65 8.48
O1' LMT J . 9.83 -2.76 8.05
O2' LMT J . 8.87 -0.42 9.26
O3' LMT J . 6.15 0.24 8.56
O5' LMT J . 7.58 -3.69 7.97
O6' LMT J . 4.93 -4.98 7.15
C1 LMT J . 10.11 -2.28 6.73
C2 LMT J . 10.69 -3.55 6.01
C3 LMT J . 11.09 -3.39 4.49
C4 LMT J . 12.34 -4.29 4.28
C5 LMT J . 12.51 -5.22 5.54
C6 LMT J . 13.96 -5.77 5.68
C7 LMT J . 13.97 -7.33 5.71
C8 LMT J . 12.72 -7.89 6.41
C9 LMT J . 12.49 -9.31 5.82
C10 LMT J . 12.30 -10.27 6.99
C11 LMT J . 10.81 -10.28 7.36
C12 LMT J . 10.66 -10.72 8.81
CAA 11A K . 7.59 -0.32 -5.07
CAD 11A K . 7.93 0.37 -3.76
CAE 11A K . 7.83 -0.57 -2.56
CAF 11A K . 6.45 -0.89 -1.98
CAG 11A K . 6.05 -0.35 -0.60
CAH 11A K . 5.26 0.99 -0.59
CAI 11A K . 4.14 1.13 0.44
CAJ 11A K . 3.94 2.53 1.04
CAK 11A K . 3.32 2.67 2.42
CAL 11A K . 3.66 3.99 3.13
CAM 11A K . 4.38 3.78 4.47
OAC 11A K . 3.79 3.19 5.41
OAB 11A K . 5.57 4.19 4.63
#